data_2I5W
#
_entry.id   2I5W
#
_cell.length_a   91.524
_cell.length_b   91.524
_cell.length_c   211.848
_cell.angle_alpha   90.00
_cell.angle_beta   90.00
_cell.angle_gamma   120.00
#
_symmetry.space_group_name_H-M   'P 65 2 2'
#
loop_
_entity.id
_entity.type
_entity.pdbx_description
1 polymer "5'-D(*GP*GP*TP*AP*GP*AP*CP*CP*TP*GP*GP*A)-3'"
2 polymer "5'-D(P*CP*CP*AP*GP*(G42)P*TP*CP*TP*AP*C)-3'"
3 polymer 'N-glycosylase/DNA lyase'
4 non-polymer 'CALCIUM ION'
5 non-polymer GLYCEROL
6 water water
#
loop_
_entity_poly.entity_id
_entity_poly.type
_entity_poly.pdbx_seq_one_letter_code
_entity_poly.pdbx_strand_id
1 'polydeoxyribonucleotide' (DG)(DG)(DT)(DA)(DG)(DA)(DC)(DC)(DT)(DG)(DG)(DA) E
2 'polydeoxyribonucleotide' (DC)(DC)(DA)(DG)(8OG)(DT)(DC)(DT)(DA)(DC) F
3 'polypeptide(L)'
;SEFGHRTLASTPALWASIPCPRSELRLDLVLPSGQSFRWREQSPAHWSGVLADQVWTLTQTEEQLHCTVYRGDKSQASRP
TPDELEAVRKYFQLDVTLAQLYHHWGSVDSHFQEVAQKFQGVRLLRQDPIECLFSFICSSCNNIARITGMVERLCQAFGP
RLIQLDDVTYHGFPSLQALAGPEVEAHLRKLGLGYRARYVSASARAILEEQGGLAWLQQLRESSYEEAHKALCILPGVGT
KVADCICLMALDKPQAVPVDVHMWHIAQRDYSWHPTTSQAKGPSPQTNKELGNFFRSLWGPYAGWAQAVLFSADL
;
A
#
loop_
_chem_comp.id
_chem_comp.type
_chem_comp.name
_chem_comp.formula
8OG DNA linking 8-OXO-2'-DEOXY-GUANOSINE-5'-MONOPHOSPHATE 'C10 H14 N5 O8 P'
CA non-polymer 'CALCIUM ION' 'Ca 2'
DA DNA linking 2'-DEOXYADENOSINE-5'-MONOPHOSPHATE 'C10 H14 N5 O6 P'
DC DNA linking 2'-DEOXYCYTIDINE-5'-MONOPHOSPHATE 'C9 H14 N3 O7 P'
DG DNA linking 2'-DEOXYGUANOSINE-5'-MONOPHOSPHATE 'C10 H14 N5 O7 P'
DT DNA linking THYMIDINE-5'-MONOPHOSPHATE 'C10 H15 N2 O8 P'
GOL non-polymer GLYCEROL 'C3 H8 O3'
#
# COMPACT_ATOMS: atom_id res chain seq x y z
P 8OG B 5 0.84 11.73 -9.94
OP1 8OG B 5 -0.19 10.67 -10.04
OP2 8OG B 5 0.69 12.81 -8.92
O5' 8OG B 5 2.25 11.04 -9.73
C5' 8OG B 5 3.37 11.75 -9.22
C4' 8OG B 5 4.65 11.02 -9.55
O4' 8OG B 5 4.77 10.95 -10.99
C3' 8OG B 5 5.94 11.66 -9.05
O3' 8OG B 5 6.84 10.61 -8.70
C2' 8OG B 5 6.45 12.43 -10.26
C1' 8OG B 5 5.98 11.55 -11.41
N9 8OG B 5 5.70 12.26 -12.65
C8 8OG B 5 4.87 13.33 -12.81
N7 8OG B 5 4.74 13.74 -14.04
C5 8OG B 5 5.58 12.87 -14.76
C6 8OG B 5 5.85 12.81 -16.15
O6 8OG B 5 5.39 13.51 -17.06
N1 8OG B 5 6.76 11.80 -16.44
C2 8OG B 5 7.32 10.94 -15.52
N2 8OG B 5 8.20 10.03 -15.99
N3 8OG B 5 7.06 10.99 -14.22
C4 8OG B 5 6.19 11.97 -13.91
O8 8OG B 5 4.28 13.89 -11.87
N SER C 1 -19.62 -25.34 -4.73
CA SER C 1 -19.52 -24.87 -3.32
C SER C 1 -18.09 -24.95 -2.85
N GLU C 2 -17.47 -26.10 -3.08
CA GLU C 2 -16.08 -26.32 -2.70
C GLU C 2 -15.19 -25.72 -3.79
N PHE C 3 -15.82 -24.93 -4.67
CA PHE C 3 -15.10 -24.31 -5.77
C PHE C 3 -15.33 -22.79 -5.83
N GLY C 4 -14.44 -22.09 -6.50
CA GLY C 4 -14.56 -20.65 -6.61
C GLY C 4 -14.22 -19.97 -5.31
N HIS C 5 -14.46 -18.66 -5.23
CA HIS C 5 -14.17 -17.93 -4.01
C HIS C 5 -15.20 -18.24 -2.93
N ARG C 6 -14.72 -18.37 -1.71
CA ARG C 6 -15.57 -18.72 -0.58
C ARG C 6 -16.26 -17.51 0.04
N THR C 7 -17.32 -17.78 0.78
CA THR C 7 -18.10 -16.77 1.47
C THR C 7 -18.27 -17.23 2.91
N LEU C 8 -18.31 -16.29 3.84
CA LEU C 8 -18.47 -16.63 5.25
C LEU C 8 -19.71 -17.54 5.41
N ALA C 9 -20.76 -17.21 4.68
CA ALA C 9 -22.01 -17.96 4.72
C ALA C 9 -22.16 -18.95 3.56
N SER C 10 -21.27 -19.95 3.50
CA SER C 10 -21.33 -20.96 2.44
C SER C 10 -20.20 -21.96 2.62
N THR C 11 -19.31 -21.66 3.55
CA THR C 11 -18.17 -22.50 3.87
C THR C 11 -17.66 -22.08 5.24
N PRO C 12 -18.57 -21.97 6.23
CA PRO C 12 -18.28 -21.57 7.61
C PRO C 12 -17.16 -22.34 8.31
N ALA C 13 -17.13 -23.66 8.13
CA ALA C 13 -16.12 -24.48 8.77
C ALA C 13 -14.67 -24.07 8.45
N LEU C 14 -14.49 -23.24 7.43
CA LEU C 14 -13.16 -22.81 7.02
C LEU C 14 -12.85 -21.34 7.29
N TRP C 15 -13.61 -20.71 8.17
CA TRP C 15 -13.39 -19.30 8.48
C TRP C 15 -12.99 -19.04 9.93
N ALA C 16 -11.82 -18.47 10.13
CA ALA C 16 -11.36 -18.13 11.47
C ALA C 16 -11.64 -16.64 11.57
N SER C 17 -11.62 -16.10 12.78
CA SER C 17 -11.89 -14.67 12.94
C SER C 17 -10.92 -14.01 13.90
N ILE C 18 -10.54 -12.78 13.56
CA ILE C 18 -9.62 -12.00 14.36
C ILE C 18 -10.48 -10.92 14.98
N PRO C 19 -10.48 -10.80 16.31
CA PRO C 19 -11.28 -9.77 16.99
C PRO C 19 -10.86 -8.41 16.48
N CYS C 20 -11.74 -7.75 15.74
CA CYS C 20 -11.42 -6.44 15.19
C CYS C 20 -12.67 -5.61 14.92
N PRO C 21 -12.80 -4.46 15.62
CA PRO C 21 -13.97 -3.62 15.41
C PRO C 21 -13.88 -2.85 14.09
N ARG C 22 -15.03 -2.64 13.46
CA ARG C 22 -15.10 -1.95 12.17
C ARG C 22 -14.61 -0.51 12.28
N SER C 23 -14.37 -0.05 13.50
CA SER C 23 -13.89 1.31 13.73
C SER C 23 -12.36 1.29 13.62
N GLU C 24 -11.80 0.12 13.83
CA GLU C 24 -10.36 -0.09 13.75
C GLU C 24 -9.94 -0.47 12.33
N LEU C 25 -10.90 -0.84 11.50
CA LEU C 25 -10.62 -1.24 10.11
C LEU C 25 -11.85 -1.35 9.21
N ARG C 26 -11.69 -0.87 7.99
CA ARG C 26 -12.75 -0.93 7.00
C ARG C 26 -12.13 -1.35 5.67
N LEU C 27 -12.16 -2.66 5.40
CA LEU C 27 -11.60 -3.20 4.19
C LEU C 27 -11.96 -2.40 2.94
N ASP C 28 -13.20 -1.94 2.85
CA ASP C 28 -13.63 -1.20 1.68
C ASP C 28 -12.94 0.15 1.54
N LEU C 29 -12.32 0.64 2.62
CA LEU C 29 -11.63 1.92 2.57
C LEU C 29 -10.11 1.81 2.42
N VAL C 30 -9.55 0.67 2.83
CA VAL C 30 -8.10 0.50 2.74
C VAL C 30 -7.60 -0.35 1.57
N LEU C 31 -8.34 -1.41 1.22
CA LEU C 31 -7.94 -2.31 0.15
C LEU C 31 -7.95 -1.80 -1.28
N PRO C 32 -8.91 -0.94 -1.65
CA PRO C 32 -8.95 -0.42 -3.02
C PRO C 32 -8.55 1.05 -3.14
N SER C 33 -8.01 1.59 -2.06
CA SER C 33 -7.64 3.00 -2.00
C SER C 33 -6.21 3.38 -2.39
N GLY C 34 -5.62 2.66 -3.34
CA GLY C 34 -4.27 3.00 -3.77
C GLY C 34 -3.07 2.57 -2.94
N GLN C 35 -3.26 1.77 -1.88
CA GLN C 35 -2.11 1.30 -1.11
C GLN C 35 -1.65 0.01 -1.81
N SER C 36 -2.50 -1.00 -1.77
CA SER C 36 -2.23 -2.26 -2.43
C SER C 36 -3.09 -2.27 -3.68
N PHE C 37 -2.68 -3.03 -4.68
CA PHE C 37 -3.44 -3.09 -5.91
C PHE C 37 -3.76 -4.53 -6.26
N ARG C 38 -3.52 -5.44 -5.32
CA ARG C 38 -3.78 -6.86 -5.54
C ARG C 38 -4.97 -7.37 -4.73
N TRP C 39 -5.90 -6.49 -4.40
CA TRP C 39 -7.09 -6.91 -3.66
C TRP C 39 -8.32 -6.68 -4.50
N ARG C 40 -9.13 -7.72 -4.64
CA ARG C 40 -10.34 -7.62 -5.44
C ARG C 40 -11.55 -8.07 -4.64
N GLU C 41 -12.62 -7.29 -4.70
CA GLU C 41 -13.85 -7.65 -4.00
C GLU C 41 -14.58 -8.60 -4.94
N GLN C 42 -14.13 -9.84 -4.98
CA GLN C 42 -14.67 -10.88 -5.86
C GLN C 42 -16.17 -11.10 -5.69
N SER C 43 -16.64 -11.00 -4.45
CA SER C 43 -18.06 -11.13 -4.12
C SER C 43 -18.32 -10.04 -3.07
N PRO C 44 -19.56 -9.54 -2.99
CA PRO C 44 -19.91 -8.48 -2.04
C PRO C 44 -19.33 -8.60 -0.63
N ALA C 45 -18.57 -7.58 -0.24
CA ALA C 45 -17.95 -7.49 1.09
C ALA C 45 -16.86 -8.54 1.33
N HIS C 46 -16.46 -9.23 0.27
CA HIS C 46 -15.42 -10.24 0.38
C HIS C 46 -14.21 -9.83 -0.47
N TRP C 47 -13.05 -9.75 0.15
CA TRP C 47 -11.85 -9.36 -0.57
C TRP C 47 -10.85 -10.49 -0.67
N SER C 48 -10.35 -10.72 -1.88
CA SER C 48 -9.40 -11.77 -2.12
C SER C 48 -8.08 -11.22 -2.65
N GLY C 49 -6.97 -11.86 -2.25
CA GLY C 49 -5.67 -11.41 -2.71
C GLY C 49 -4.56 -12.19 -2.06
N VAL C 50 -3.33 -11.95 -2.51
CA VAL C 50 -2.18 -12.64 -1.98
C VAL C 50 -1.57 -11.94 -0.78
N LEU C 51 -1.50 -12.66 0.32
CA LEU C 51 -0.93 -12.17 1.57
C LEU C 51 -0.07 -13.30 2.11
N ALA C 52 1.16 -12.96 2.48
CA ALA C 52 2.09 -13.95 3.01
C ALA C 52 2.21 -15.15 2.06
N ASP C 53 2.29 -14.87 0.77
CA ASP C 53 2.44 -15.90 -0.26
C ASP C 53 1.32 -16.93 -0.31
N GLN C 54 0.11 -16.50 0.03
CA GLN C 54 -1.05 -17.38 0.00
C GLN C 54 -2.28 -16.55 -0.38
N VAL C 55 -3.28 -17.19 -0.97
CA VAL C 55 -4.48 -16.48 -1.33
C VAL C 55 -5.45 -16.48 -0.17
N TRP C 56 -6.00 -15.31 0.14
CA TRP C 56 -6.97 -15.19 1.24
C TRP C 56 -8.20 -14.45 0.78
N THR C 57 -9.25 -14.60 1.57
CA THR C 57 -10.49 -13.88 1.36
C THR C 57 -10.79 -13.32 2.74
N LEU C 58 -11.12 -12.04 2.79
CA LEU C 58 -11.42 -11.38 4.04
C LEU C 58 -12.76 -10.69 3.96
N THR C 59 -13.51 -10.77 5.05
CA THR C 59 -14.81 -10.12 5.13
C THR C 59 -14.99 -9.82 6.61
N GLN C 60 -15.68 -8.74 6.92
CA GLN C 60 -15.86 -8.39 8.33
C GLN C 60 -17.30 -8.08 8.69
N THR C 61 -17.62 -8.31 9.96
CA THR C 61 -18.95 -8.05 10.46
C THR C 61 -18.90 -6.73 11.23
N GLU C 62 -18.76 -6.79 12.55
CA GLU C 62 -18.71 -5.54 13.32
C GLU C 62 -17.64 -5.59 14.39
N GLU C 63 -17.46 -6.76 14.99
CA GLU C 63 -16.46 -6.93 16.03
C GLU C 63 -15.44 -7.98 15.60
N GLN C 64 -15.66 -8.57 14.44
CA GLN C 64 -14.76 -9.60 13.94
C GLN C 64 -14.31 -9.37 12.49
N LEU C 65 -13.17 -9.98 12.17
CA LEU C 65 -12.58 -9.92 10.83
C LEU C 65 -12.47 -11.38 10.47
N HIS C 66 -13.27 -11.83 9.51
CA HIS C 66 -13.26 -13.23 9.13
C HIS C 66 -12.27 -13.49 8.01
N CYS C 67 -11.42 -14.49 8.22
CA CYS C 67 -10.39 -14.83 7.25
C CYS C 67 -10.40 -16.30 6.84
N THR C 68 -10.13 -16.54 5.57
CA THR C 68 -10.05 -17.90 5.07
C THR C 68 -8.86 -17.92 4.12
N VAL C 69 -8.06 -18.98 4.19
CA VAL C 69 -6.88 -19.09 3.35
C VAL C 69 -6.96 -20.28 2.40
N TYR C 70 -6.39 -20.11 1.21
CA TYR C 70 -6.35 -21.15 0.18
C TYR C 70 -4.88 -21.52 0.00
N ARG C 71 -4.47 -22.67 0.51
CA ARG C 71 -3.06 -23.08 0.39
C ARG C 71 -2.75 -23.84 -0.89
N GLN C 76 -5.37 -29.90 1.68
CA GLN C 76 -6.50 -30.31 2.58
C GLN C 76 -7.11 -29.09 3.28
N ALA C 77 -8.28 -28.66 2.79
CA ALA C 77 -8.97 -27.49 3.33
C ALA C 77 -9.22 -27.51 4.85
N SER C 78 -9.07 -26.33 5.47
CA SER C 78 -9.28 -26.17 6.90
C SER C 78 -9.12 -24.70 7.28
N ARG C 79 -9.88 -24.25 8.28
CA ARG C 79 -9.83 -22.87 8.73
C ARG C 79 -8.36 -22.46 8.97
N PRO C 80 -8.08 -21.15 8.93
CA PRO C 80 -6.71 -20.66 9.15
C PRO C 80 -6.16 -21.09 10.50
N THR C 81 -4.86 -21.34 10.57
CA THR C 81 -4.24 -21.74 11.82
C THR C 81 -3.92 -20.47 12.61
N PRO C 82 -3.47 -20.61 13.87
CA PRO C 82 -3.14 -19.47 14.72
C PRO C 82 -2.04 -18.59 14.14
N ASP C 83 -1.00 -19.24 13.62
CA ASP C 83 0.14 -18.56 13.03
C ASP C 83 -0.24 -17.77 11.78
N GLU C 84 -1.13 -18.35 10.98
CA GLU C 84 -1.59 -17.72 9.75
C GLU C 84 -2.36 -16.41 9.98
N LEU C 85 -3.36 -16.45 10.87
CA LEU C 85 -4.13 -15.25 11.17
C LEU C 85 -3.20 -14.18 11.73
N GLU C 86 -2.18 -14.63 12.46
CA GLU C 86 -1.22 -13.71 13.06
C GLU C 86 -0.53 -12.92 11.95
N ALA C 87 -0.38 -13.54 10.80
CA ALA C 87 0.25 -12.90 9.64
C ALA C 87 -0.67 -11.77 9.17
N VAL C 88 -1.97 -12.05 9.19
CA VAL C 88 -2.99 -11.08 8.79
C VAL C 88 -2.98 -9.89 9.75
N ARG C 89 -2.71 -10.17 11.03
CA ARG C 89 -2.63 -9.14 12.06
C ARG C 89 -1.49 -8.19 11.71
N LYS C 90 -0.33 -8.77 11.42
CA LYS C 90 0.85 -8.00 11.05
C LYS C 90 0.61 -7.13 9.82
N TYR C 91 -0.03 -7.69 8.81
CA TYR C 91 -0.31 -6.98 7.57
C TYR C 91 -1.16 -5.75 7.79
N PHE C 92 -2.13 -5.85 8.68
CA PHE C 92 -3.00 -4.72 8.98
C PHE C 92 -2.52 -3.91 10.17
N GLN C 93 -1.28 -4.18 10.61
CA GLN C 93 -0.67 -3.49 11.75
C GLN C 93 -1.73 -3.18 12.79
N LEU C 94 -2.37 -4.22 13.31
CA LEU C 94 -3.44 -4.03 14.27
C LEU C 94 -3.06 -3.57 15.66
N ASP C 95 -1.84 -3.85 16.08
CA ASP C 95 -1.42 -3.38 17.41
C ASP C 95 -1.47 -1.85 17.42
N VAL C 96 -1.47 -1.24 16.24
CA VAL C 96 -1.56 0.20 16.12
C VAL C 96 -3.04 0.59 16.22
N THR C 97 -3.43 1.11 17.39
CA THR C 97 -4.83 1.49 17.63
C THR C 97 -5.25 2.80 16.98
N LEU C 98 -6.19 2.73 16.04
CA LEU C 98 -6.68 3.92 15.37
C LEU C 98 -7.47 4.86 16.27
N ALA C 99 -8.18 4.30 17.25
CA ALA C 99 -8.95 5.13 18.16
C ALA C 99 -8.01 6.13 18.80
N GLN C 100 -6.81 5.67 19.14
CA GLN C 100 -5.80 6.53 19.75
C GLN C 100 -5.24 7.54 18.75
N LEU C 101 -4.97 7.10 17.53
CA LEU C 101 -4.42 8.00 16.51
C LEU C 101 -5.38 9.09 16.09
N TYR C 102 -6.66 8.74 15.93
CA TYR C 102 -7.67 9.71 15.54
C TYR C 102 -7.88 10.75 16.62
N HIS C 103 -7.86 10.29 17.87
CA HIS C 103 -8.03 11.19 19.01
C HIS C 103 -6.92 12.22 19.01
N HIS C 104 -5.69 11.77 18.78
CA HIS C 104 -4.55 12.68 18.75
C HIS C 104 -4.62 13.71 17.63
N TRP C 105 -4.74 13.26 16.39
CA TRP C 105 -4.80 14.18 15.26
C TRP C 105 -5.95 15.15 15.43
N GLY C 106 -7.09 14.63 15.88
CA GLY C 106 -8.24 15.47 16.07
C GLY C 106 -8.05 16.57 17.10
N SER C 107 -7.32 16.26 18.17
CA SER C 107 -7.10 17.23 19.23
C SER C 107 -6.10 18.32 18.89
N VAL C 108 -5.40 18.18 17.77
CA VAL C 108 -4.41 19.17 17.35
C VAL C 108 -4.77 19.75 15.99
N ASP C 109 -5.84 19.24 15.40
CA ASP C 109 -6.29 19.68 14.08
C ASP C 109 -7.82 19.67 14.10
N SER C 110 -8.43 20.84 14.25
CA SER C 110 -9.88 20.92 14.30
C SER C 110 -10.52 20.56 12.97
N HIS C 111 -9.75 20.65 11.89
CA HIS C 111 -10.29 20.30 10.57
C HIS C 111 -10.37 18.79 10.45
N PHE C 112 -9.39 18.11 11.03
CA PHE C 112 -9.38 16.66 10.98
C PHE C 112 -10.56 16.25 11.83
N GLN C 113 -10.77 17.00 12.90
CA GLN C 113 -11.85 16.78 13.84
C GLN C 113 -13.17 16.46 13.14
N GLU C 114 -13.68 17.41 12.38
CA GLU C 114 -14.92 17.21 11.67
C GLU C 114 -14.80 16.11 10.63
N VAL C 115 -14.04 16.38 9.58
CA VAL C 115 -13.84 15.44 8.48
C VAL C 115 -13.62 13.96 8.83
N ALA C 116 -12.82 13.68 9.86
CA ALA C 116 -12.52 12.30 10.22
C ALA C 116 -13.63 11.48 10.85
N GLN C 117 -14.64 12.13 11.43
CA GLN C 117 -15.74 11.42 12.06
C GLN C 117 -16.42 10.41 11.12
N LYS C 118 -16.66 10.85 9.88
CA LYS C 118 -17.31 10.02 8.88
C LYS C 118 -16.42 9.02 8.16
N PHE C 119 -15.15 8.91 8.57
CA PHE C 119 -14.25 7.99 7.88
C PHE C 119 -13.33 7.14 8.76
N GLN C 120 -13.91 6.52 9.79
CA GLN C 120 -13.14 5.68 10.68
C GLN C 120 -12.64 4.44 9.93
N GLY C 121 -11.78 3.66 10.58
CA GLY C 121 -11.27 2.44 9.96
C GLY C 121 -10.20 2.56 8.89
N VAL C 122 -9.60 3.75 8.73
CA VAL C 122 -8.55 3.91 7.74
C VAL C 122 -7.17 3.77 8.38
N ARG C 123 -6.46 2.72 8.00
CA ARG C 123 -5.12 2.46 8.54
C ARG C 123 -4.15 2.19 7.38
N LEU C 124 -2.88 1.97 7.73
CA LEU C 124 -1.85 1.69 6.72
C LEU C 124 -1.46 0.22 6.68
N LEU C 125 -1.38 -0.32 5.47
CA LEU C 125 -1.01 -1.70 5.27
C LEU C 125 0.50 -1.83 5.34
N ARG C 126 0.99 -2.86 6.03
CA ARG C 126 2.42 -3.11 6.11
C ARG C 126 2.78 -4.04 4.96
N GLN C 127 3.13 -3.45 3.82
CA GLN C 127 3.46 -4.20 2.62
C GLN C 127 4.93 -4.61 2.47
N ASP C 128 5.18 -5.45 1.48
CA ASP C 128 6.51 -5.92 1.14
C ASP C 128 7.20 -4.88 0.25
N PRO C 129 8.45 -4.53 0.58
CA PRO C 129 9.28 -3.54 -0.13
C PRO C 129 9.34 -3.66 -1.66
N ILE C 130 9.52 -4.88 -2.18
CA ILE C 130 9.60 -5.06 -3.62
C ILE C 130 8.26 -4.75 -4.30
N GLU C 131 7.19 -5.36 -3.79
CA GLU C 131 5.87 -5.12 -4.35
C GLU C 131 5.63 -3.62 -4.40
N CYS C 132 5.88 -2.95 -3.28
CA CYS C 132 5.69 -1.51 -3.22
C CYS C 132 6.55 -0.76 -4.22
N LEU C 133 7.85 -1.05 -4.22
CA LEU C 133 8.77 -0.39 -5.12
C LEU C 133 8.26 -0.34 -6.56
N PHE C 134 8.03 -1.50 -7.15
CA PHE C 134 7.57 -1.58 -8.54
C PHE C 134 6.12 -1.21 -8.77
N SER C 135 5.26 -1.45 -7.78
CA SER C 135 3.88 -1.05 -7.95
C SER C 135 3.90 0.48 -8.04
N PHE C 136 4.58 1.10 -7.09
CA PHE C 136 4.64 2.55 -7.06
C PHE C 136 5.46 3.20 -8.15
N ILE C 137 6.33 2.43 -8.81
CA ILE C 137 7.10 3.00 -9.90
C ILE C 137 6.12 3.16 -11.07
N CYS C 138 5.12 2.28 -11.10
CA CYS C 138 4.10 2.29 -12.13
C CYS C 138 3.03 3.34 -11.91
N SER C 139 2.94 3.84 -10.68
CA SER C 139 1.96 4.86 -10.32
C SER C 139 2.20 6.20 -11.01
N SER C 140 3.43 6.44 -11.45
CA SER C 140 3.79 7.69 -12.12
C SER C 140 2.83 8.11 -13.24
N CYS C 141 2.38 9.36 -13.18
CA CYS C 141 1.47 9.92 -14.19
C CYS C 141 0.35 8.92 -14.44
N ASN C 142 -0.23 8.39 -13.37
CA ASN C 142 -1.27 7.38 -13.50
C ASN C 142 -2.44 7.44 -12.49
N ASN C 143 -3.32 6.43 -12.54
CA ASN C 143 -4.48 6.35 -11.66
C ASN C 143 -4.63 4.92 -11.15
N ILE C 144 -5.38 4.75 -10.05
CA ILE C 144 -5.55 3.42 -9.45
C ILE C 144 -6.08 2.33 -10.39
N ALA C 145 -7.07 2.67 -11.20
CA ALA C 145 -7.65 1.71 -12.13
C ALA C 145 -6.58 1.21 -13.11
N ARG C 146 -5.83 2.17 -13.65
CA ARG C 146 -4.78 1.82 -14.60
C ARG C 146 -3.59 1.13 -13.95
N ILE C 147 -3.18 1.62 -12.78
CA ILE C 147 -2.06 1.00 -12.08
C ILE C 147 -2.38 -0.46 -11.79
N THR C 148 -3.59 -0.68 -11.27
CA THR C 148 -4.04 -2.02 -10.93
C THR C 148 -3.99 -2.96 -12.12
N GLY C 149 -4.40 -2.46 -13.28
CA GLY C 149 -4.40 -3.27 -14.48
C GLY C 149 -2.99 -3.61 -14.89
N MET C 150 -2.09 -2.63 -14.78
CA MET C 150 -0.69 -2.82 -15.13
C MET C 150 -0.03 -3.83 -14.21
N VAL C 151 -0.19 -3.63 -12.90
CA VAL C 151 0.40 -4.53 -11.90
C VAL C 151 -0.13 -5.94 -12.00
N GLU C 152 -1.38 -6.06 -12.40
CA GLU C 152 -2.03 -7.37 -12.54
C GLU C 152 -1.41 -8.15 -13.69
N ARG C 153 -1.12 -7.46 -14.79
CA ARG C 153 -0.52 -8.10 -15.94
C ARG C 153 0.95 -8.41 -15.69
N LEU C 154 1.62 -7.54 -14.94
CA LEU C 154 3.02 -7.73 -14.61
C LEU C 154 3.21 -9.01 -13.79
N CYS C 155 2.32 -9.24 -12.84
CA CYS C 155 2.40 -10.43 -12.00
C CYS C 155 1.95 -11.66 -12.78
N GLN C 156 1.01 -11.48 -13.69
CA GLN C 156 0.55 -12.62 -14.48
C GLN C 156 1.72 -13.05 -15.36
N ALA C 157 2.50 -12.08 -15.81
CA ALA C 157 3.64 -12.35 -16.68
C ALA C 157 4.88 -12.90 -16.00
N PHE C 158 5.29 -12.32 -14.87
CA PHE C 158 6.50 -12.76 -14.20
C PHE C 158 6.36 -13.35 -12.79
N GLY C 159 5.13 -13.38 -12.27
CA GLY C 159 4.95 -13.92 -10.93
C GLY C 159 4.72 -15.41 -10.85
N PRO C 160 5.13 -16.07 -9.75
CA PRO C 160 4.96 -17.52 -9.56
C PRO C 160 3.47 -17.78 -9.48
N ARG C 161 3.01 -18.83 -10.15
CA ARG C 161 1.59 -19.17 -10.10
C ARG C 161 1.26 -19.79 -8.74
N LEU C 162 0.26 -19.23 -8.05
CA LEU C 162 -0.13 -19.76 -6.74
C LEU C 162 -1.27 -20.76 -6.87
N ILE C 163 -2.50 -20.28 -7.01
CA ILE C 163 -3.64 -21.18 -7.17
C ILE C 163 -4.68 -20.51 -8.05
N GLN C 164 -5.75 -21.24 -8.35
CA GLN C 164 -6.82 -20.72 -9.19
C GLN C 164 -8.21 -20.88 -8.58
N LEU C 165 -8.95 -19.78 -8.49
CA LEU C 165 -10.31 -19.77 -7.97
C LEU C 165 -11.17 -19.25 -9.10
N ASP C 166 -12.20 -20.00 -9.47
CA ASP C 166 -13.06 -19.62 -10.57
C ASP C 166 -12.17 -19.43 -11.80
N ASP C 167 -12.26 -18.29 -12.45
CA ASP C 167 -11.43 -18.05 -13.63
C ASP C 167 -10.33 -17.04 -13.35
N VAL C 168 -9.92 -16.97 -12.09
CA VAL C 168 -8.86 -16.07 -11.65
C VAL C 168 -7.64 -16.88 -11.18
N THR C 169 -6.50 -16.70 -11.85
CA THR C 169 -5.30 -17.42 -11.44
C THR C 169 -4.41 -16.44 -10.68
N TYR C 170 -4.18 -16.71 -9.40
CA TYR C 170 -3.35 -15.83 -8.58
C TYR C 170 -1.86 -16.10 -8.73
N HIS C 171 -1.07 -15.03 -8.71
CA HIS C 171 0.37 -15.12 -8.82
C HIS C 171 1.01 -14.33 -7.71
N GLY C 172 2.20 -14.75 -7.30
CA GLY C 172 2.91 -14.01 -6.26
C GLY C 172 3.57 -12.86 -6.99
N PHE C 173 4.01 -11.84 -6.27
CA PHE C 173 4.66 -10.72 -6.94
C PHE C 173 6.00 -11.23 -7.50
N PRO C 174 6.40 -10.75 -8.68
CA PRO C 174 7.67 -11.20 -9.27
C PRO C 174 8.87 -10.98 -8.36
N SER C 175 9.87 -11.84 -8.50
CA SER C 175 11.08 -11.71 -7.70
C SER C 175 11.99 -10.70 -8.40
N LEU C 176 13.09 -10.34 -7.75
CA LEU C 176 14.04 -9.39 -8.31
C LEU C 176 14.69 -9.93 -9.59
N GLN C 177 15.19 -11.16 -9.53
CA GLN C 177 15.84 -11.76 -10.69
C GLN C 177 14.89 -11.89 -11.86
N ALA C 178 13.61 -12.08 -11.57
CA ALA C 178 12.64 -12.22 -12.65
C ALA C 178 12.51 -10.90 -13.40
N LEU C 179 12.36 -9.80 -12.67
CA LEU C 179 12.23 -8.48 -13.27
C LEU C 179 13.53 -7.98 -13.88
N ALA C 180 14.65 -8.48 -13.39
CA ALA C 180 15.96 -8.09 -13.90
C ALA C 180 16.37 -8.89 -15.14
N GLY C 181 15.60 -9.93 -15.44
CA GLY C 181 15.88 -10.78 -16.59
C GLY C 181 15.93 -10.10 -17.95
N PRO C 182 16.47 -10.79 -18.97
CA PRO C 182 16.56 -10.22 -20.32
C PRO C 182 15.23 -9.98 -21.02
N GLU C 183 15.14 -8.85 -21.71
CA GLU C 183 13.97 -8.43 -22.47
C GLU C 183 12.70 -8.24 -21.67
N VAL C 184 12.83 -8.01 -20.37
CA VAL C 184 11.65 -7.79 -19.56
C VAL C 184 10.99 -6.47 -19.95
N GLU C 185 11.80 -5.49 -20.32
CA GLU C 185 11.25 -4.19 -20.71
C GLU C 185 10.37 -4.32 -21.94
N ALA C 186 10.91 -4.91 -23.00
CA ALA C 186 10.14 -5.10 -24.23
C ALA C 186 8.83 -5.82 -23.90
N HIS C 187 8.91 -6.79 -22.99
CA HIS C 187 7.72 -7.56 -22.61
C HIS C 187 6.71 -6.70 -21.84
N LEU C 188 7.20 -5.87 -20.94
CA LEU C 188 6.33 -5.00 -20.15
C LEU C 188 5.69 -3.89 -20.99
N ARG C 189 6.36 -3.50 -22.06
CA ARG C 189 5.81 -2.46 -22.92
C ARG C 189 4.64 -3.04 -23.70
N LYS C 190 4.68 -4.35 -23.92
CA LYS C 190 3.60 -5.02 -24.63
C LYS C 190 2.42 -5.12 -23.68
N LEU C 191 2.69 -4.92 -22.39
CA LEU C 191 1.64 -4.97 -21.40
C LEU C 191 1.11 -3.57 -21.13
N GLY C 192 1.57 -2.62 -21.94
CA GLY C 192 1.12 -1.25 -21.80
C GLY C 192 1.66 -0.42 -20.65
N LEU C 193 2.82 -0.79 -20.09
CA LEU C 193 3.38 -0.01 -19.00
C LEU C 193 4.05 1.27 -19.49
N GLY C 194 4.26 1.37 -20.80
CA GLY C 194 4.90 2.54 -21.36
C GLY C 194 6.31 2.71 -20.80
N TYR C 195 6.75 3.96 -20.72
CA TYR C 195 8.09 4.29 -20.22
C TYR C 195 8.37 3.70 -18.84
N ARG C 196 7.32 3.23 -18.15
CA ARG C 196 7.48 2.66 -16.82
C ARG C 196 8.15 1.29 -16.91
N ALA C 197 8.07 0.69 -18.11
CA ALA C 197 8.68 -0.62 -18.35
C ALA C 197 10.18 -0.53 -18.19
N ARG C 198 10.72 0.64 -18.53
CA ARG C 198 12.15 0.90 -18.45
C ARG C 198 12.62 0.99 -17.00
N TYR C 199 11.91 1.78 -16.19
CA TYR C 199 12.29 1.94 -14.79
C TYR C 199 12.22 0.62 -14.03
N VAL C 200 11.19 -0.17 -14.27
CA VAL C 200 11.04 -1.46 -13.59
C VAL C 200 12.33 -2.27 -13.79
N SER C 201 12.64 -2.53 -15.06
CA SER C 201 13.81 -3.29 -15.46
C SER C 201 15.11 -2.76 -14.86
N ALA C 202 15.35 -1.46 -15.01
CA ALA C 202 16.56 -0.84 -14.49
C ALA C 202 16.70 -0.96 -12.97
N SER C 203 15.62 -0.73 -12.23
CA SER C 203 15.68 -0.81 -10.77
C SER C 203 15.93 -2.24 -10.31
N ALA C 204 15.39 -3.20 -11.06
CA ALA C 204 15.57 -4.60 -10.73
C ALA C 204 17.07 -4.91 -10.81
N ARG C 205 17.66 -4.53 -11.94
CA ARG C 205 19.10 -4.74 -12.17
C ARG C 205 19.95 -3.92 -11.22
N ALA C 206 19.57 -2.67 -11.01
CA ALA C 206 20.33 -1.79 -10.13
C ALA C 206 20.45 -2.38 -8.73
N ILE C 207 19.32 -2.80 -8.16
CA ILE C 207 19.36 -3.37 -6.83
C ILE C 207 20.27 -4.59 -6.73
N LEU C 208 20.17 -5.48 -7.71
CA LEU C 208 20.98 -6.71 -7.73
C LEU C 208 22.44 -6.52 -8.17
N GLU C 209 22.65 -5.67 -9.17
CA GLU C 209 23.97 -5.46 -9.70
C GLU C 209 24.74 -4.24 -9.22
N GLU C 210 24.21 -3.54 -8.22
CA GLU C 210 24.89 -2.37 -7.72
C GLU C 210 24.67 -2.13 -6.23
N GLN C 211 23.46 -2.38 -5.76
CA GLN C 211 23.14 -2.11 -4.35
C GLN C 211 23.35 -3.25 -3.37
N GLY C 212 23.54 -4.46 -3.85
CA GLY C 212 23.72 -5.56 -2.92
C GLY C 212 22.45 -6.37 -2.73
N GLY C 213 21.69 -6.51 -3.81
CA GLY C 213 20.47 -7.29 -3.79
C GLY C 213 19.36 -6.93 -2.82
N LEU C 214 18.48 -7.90 -2.63
CA LEU C 214 17.31 -7.81 -1.78
C LEU C 214 17.59 -7.26 -0.38
N ALA C 215 18.54 -7.89 0.32
CA ALA C 215 18.93 -7.50 1.67
C ALA C 215 19.10 -5.99 1.85
N TRP C 216 19.63 -5.35 0.81
CA TRP C 216 19.84 -3.90 0.82
C TRP C 216 18.53 -3.19 1.11
N LEU C 217 17.52 -3.55 0.33
CA LEU C 217 16.19 -2.99 0.45
C LEU C 217 15.59 -3.27 1.82
N GLN C 218 15.72 -4.51 2.27
CA GLN C 218 15.20 -4.94 3.57
C GLN C 218 15.75 -4.06 4.68
N GLN C 219 17.07 -4.09 4.83
CA GLN C 219 17.79 -3.33 5.84
C GLN C 219 17.25 -1.90 6.03
N LEU C 220 16.57 -1.37 5.02
CA LEU C 220 16.02 -0.02 5.13
C LEU C 220 14.94 0.14 6.21
N ARG C 221 14.33 -0.97 6.61
CA ARG C 221 13.32 -0.94 7.67
C ARG C 221 13.99 -0.54 8.99
N GLU C 222 15.22 -0.98 9.17
CA GLU C 222 15.98 -0.67 10.38
C GLU C 222 16.74 0.65 10.27
N SER C 223 16.73 1.26 9.08
CA SER C 223 17.43 2.53 8.88
C SER C 223 16.46 3.64 9.28
N SER C 224 16.97 4.87 9.36
CA SER C 224 16.12 6.01 9.71
C SER C 224 15.30 6.36 8.49
N TYR C 225 14.24 7.14 8.67
CA TYR C 225 13.39 7.54 7.56
C TYR C 225 14.15 8.40 6.56
N GLU C 226 14.93 9.34 7.08
CA GLU C 226 15.70 10.25 6.23
C GLU C 226 16.79 9.48 5.50
N GLU C 227 17.28 8.43 6.15
CA GLU C 227 18.34 7.61 5.58
C GLU C 227 17.76 6.66 4.53
N ALA C 228 16.60 6.08 4.85
CA ALA C 228 15.93 5.16 3.95
C ALA C 228 15.38 5.89 2.74
N HIS C 229 14.94 7.13 2.94
CA HIS C 229 14.40 7.89 1.82
C HIS C 229 15.50 8.20 0.82
N LYS C 230 16.66 8.59 1.32
CA LYS C 230 17.81 8.92 0.49
C LYS C 230 18.32 7.70 -0.27
N ALA C 231 18.17 6.53 0.33
CA ALA C 231 18.61 5.29 -0.31
C ALA C 231 17.77 5.00 -1.55
N LEU C 232 16.46 4.99 -1.35
CA LEU C 232 15.52 4.71 -2.44
C LEU C 232 15.64 5.63 -3.65
N CYS C 233 15.82 6.93 -3.42
CA CYS C 233 15.94 7.86 -4.53
C CYS C 233 17.05 7.51 -5.53
N ILE C 234 18.00 6.68 -5.10
CA ILE C 234 19.11 6.27 -5.97
C ILE C 234 18.58 5.52 -7.17
N LEU C 235 17.59 4.67 -6.93
CA LEU C 235 16.96 3.84 -7.95
C LEU C 235 16.28 4.61 -9.08
N PRO C 236 16.51 4.20 -10.34
CA PRO C 236 15.90 4.87 -11.49
C PRO C 236 14.38 4.68 -11.48
N GLY C 237 13.65 5.78 -11.63
CA GLY C 237 12.20 5.73 -11.63
C GLY C 237 11.64 6.06 -10.25
N VAL C 238 12.53 6.23 -9.27
CA VAL C 238 12.11 6.54 -7.92
C VAL C 238 12.41 7.99 -7.55
N GLY C 239 11.35 8.77 -7.38
CA GLY C 239 11.52 10.16 -7.02
C GLY C 239 11.20 10.36 -5.56
N THR C 240 10.96 11.61 -5.16
CA THR C 240 10.65 11.90 -3.77
C THR C 240 9.31 11.31 -3.33
N LYS C 241 8.30 11.39 -4.18
CA LYS C 241 6.98 10.85 -3.83
C LYS C 241 7.03 9.34 -3.65
N VAL C 242 7.46 8.62 -4.69
CA VAL C 242 7.55 7.17 -4.62
C VAL C 242 8.40 6.73 -3.43
N ALA C 243 9.45 7.49 -3.14
CA ALA C 243 10.31 7.14 -2.03
C ALA C 243 9.51 7.20 -0.72
N ASP C 244 8.67 8.21 -0.60
CA ASP C 244 7.84 8.39 0.59
C ASP C 244 6.73 7.35 0.67
N CYS C 245 6.25 6.89 -0.49
CA CYS C 245 5.21 5.87 -0.52
C CYS C 245 5.83 4.58 0.00
N ILE C 246 7.00 4.25 -0.55
CA ILE C 246 7.70 3.04 -0.12
C ILE C 246 8.09 3.12 1.35
N CYS C 247 8.52 4.30 1.80
CA CYS C 247 8.92 4.46 3.20
C CYS C 247 7.73 4.28 4.13
N LEU C 248 6.63 4.92 3.78
CA LEU C 248 5.41 4.87 4.58
C LEU C 248 4.71 3.52 4.53
N MET C 249 4.66 2.94 3.34
CA MET C 249 3.94 1.68 3.19
C MET C 249 4.68 0.35 3.36
N ALA C 250 6.00 0.35 3.21
CA ALA C 250 6.74 -0.90 3.34
C ALA C 250 7.96 -0.84 4.28
N LEU C 251 8.47 0.36 4.53
CA LEU C 251 9.65 0.49 5.38
C LEU C 251 9.39 0.99 6.82
N ASP C 252 8.15 0.78 7.29
CA ASP C 252 7.76 1.18 8.63
C ASP C 252 8.09 2.62 9.03
N LYS C 253 7.94 3.56 8.09
CA LYS C 253 8.20 4.98 8.36
C LYS C 253 6.86 5.75 8.30
N PRO C 254 6.07 5.69 9.39
CA PRO C 254 4.77 6.37 9.48
C PRO C 254 4.75 7.89 9.42
N GLN C 255 5.90 8.54 9.46
CA GLN C 255 5.90 10.00 9.41
C GLN C 255 6.15 10.50 7.99
N ALA C 256 6.36 9.56 7.07
CA ALA C 256 6.59 9.89 5.68
C ALA C 256 5.28 10.37 5.08
N VAL C 257 5.30 11.56 4.48
CA VAL C 257 4.10 12.13 3.89
C VAL C 257 4.28 12.37 2.39
N PRO C 258 3.88 11.40 1.55
CA PRO C 258 4.02 11.57 0.10
C PRO C 258 3.26 12.79 -0.39
N VAL C 259 3.98 13.78 -0.89
CA VAL C 259 3.35 14.98 -1.38
C VAL C 259 3.12 14.91 -2.89
N ASP C 260 1.89 15.21 -3.30
CA ASP C 260 1.52 15.22 -4.71
C ASP C 260 0.46 16.30 -4.91
N VAL C 261 0.19 16.67 -6.16
CA VAL C 261 -0.79 17.71 -6.43
C VAL C 261 -2.09 17.55 -5.62
N HIS C 262 -2.44 16.31 -5.28
CA HIS C 262 -3.64 16.06 -4.51
C HIS C 262 -3.48 16.72 -3.14
N MET C 263 -2.43 16.32 -2.43
CA MET C 263 -2.13 16.85 -1.12
C MET C 263 -2.11 18.38 -1.16
N TRP C 264 -1.66 18.92 -2.29
CA TRP C 264 -1.61 20.37 -2.44
C TRP C 264 -2.99 21.01 -2.34
N HIS C 265 -3.95 20.42 -3.04
CA HIS C 265 -5.31 20.93 -3.05
C HIS C 265 -5.94 20.81 -1.67
N ILE C 266 -5.56 19.78 -0.92
CA ILE C 266 -6.10 19.61 0.42
C ILE C 266 -5.46 20.60 1.37
N ALA C 267 -4.28 21.07 1.01
CA ALA C 267 -3.55 22.02 1.86
C ALA C 267 -4.07 23.44 1.70
N GLN C 268 -4.33 23.83 0.45
CA GLN C 268 -4.82 25.16 0.17
C GLN C 268 -6.30 25.37 0.53
N ARG C 269 -7.10 24.36 0.26
CA ARG C 269 -8.54 24.43 0.51
C ARG C 269 -8.92 24.17 1.97
N ASP C 270 -8.18 23.29 2.65
CA ASP C 270 -8.51 22.96 4.04
C ASP C 270 -7.66 23.67 5.09
N TYR C 271 -6.53 24.24 4.69
CA TYR C 271 -5.66 24.94 5.64
C TYR C 271 -5.12 26.29 5.19
N SER C 272 -5.56 26.77 4.02
CA SER C 272 -5.09 28.06 3.50
C SER C 272 -3.56 28.08 3.48
N TRP C 273 -2.95 26.91 3.36
CA TRP C 273 -1.49 26.80 3.33
C TRP C 273 -0.82 27.55 2.18
N HIS C 274 0.38 28.04 2.46
CA HIS C 274 1.19 28.76 1.49
C HIS C 274 2.65 28.46 1.77
N PRO C 275 3.49 28.40 0.73
CA PRO C 275 4.91 28.11 0.93
C PRO C 275 5.59 29.32 1.58
N THR C 276 6.55 29.05 2.44
CA THR C 276 7.29 30.09 3.14
C THR C 276 8.69 30.23 2.55
N THR C 277 9.51 29.21 2.76
CA THR C 277 10.89 29.19 2.26
C THR C 277 10.95 29.31 0.74
N SER C 278 10.68 28.21 0.05
CA SER C 278 10.72 28.17 -1.41
C SER C 278 10.04 29.41 -2.00
N GLN C 279 10.58 29.90 -3.11
CA GLN C 279 10.02 31.08 -3.77
C GLN C 279 9.00 30.67 -4.83
N ALA C 280 8.88 29.37 -5.08
CA ALA C 280 7.93 28.85 -6.05
C ALA C 280 6.52 28.89 -5.45
N LYS C 281 5.57 29.48 -6.17
CA LYS C 281 4.20 29.57 -5.68
C LYS C 281 3.49 28.22 -5.77
N GLY C 282 3.95 27.36 -6.68
CA GLY C 282 3.36 26.06 -6.85
C GLY C 282 4.29 24.92 -6.48
N PRO C 283 3.96 23.68 -6.85
CA PRO C 283 4.81 22.53 -6.55
C PRO C 283 6.22 22.62 -7.14
N SER C 284 7.19 22.11 -6.39
CA SER C 284 8.58 22.10 -6.79
C SER C 284 9.34 21.34 -5.71
N PRO C 285 10.56 20.88 -6.03
CA PRO C 285 11.34 20.14 -5.04
C PRO C 285 11.33 20.79 -3.65
N GLN C 286 11.54 22.10 -3.60
CA GLN C 286 11.56 22.82 -2.32
C GLN C 286 10.20 22.85 -1.65
N THR C 287 9.20 23.38 -2.36
CA THR C 287 7.84 23.50 -1.83
C THR C 287 7.21 22.18 -1.35
N ASN C 288 7.36 21.12 -2.15
CA ASN C 288 6.80 19.83 -1.74
C ASN C 288 7.48 19.34 -0.46
N LYS C 289 8.78 19.55 -0.35
CA LYS C 289 9.52 19.15 0.82
C LYS C 289 8.98 19.93 2.01
N GLU C 290 8.72 21.21 1.77
CA GLU C 290 8.19 22.08 2.81
C GLU C 290 6.80 21.62 3.24
N LEU C 291 5.96 21.27 2.27
CA LEU C 291 4.61 20.81 2.57
C LEU C 291 4.64 19.56 3.45
N GLY C 292 5.58 18.65 3.17
CA GLY C 292 5.70 17.44 3.96
C GLY C 292 6.04 17.75 5.41
N ASN C 293 6.89 18.75 5.63
CA ASN C 293 7.29 19.15 6.98
C ASN C 293 6.11 19.74 7.72
N PHE C 294 5.29 20.48 6.99
CA PHE C 294 4.10 21.11 7.54
C PHE C 294 3.18 20.13 8.26
N PHE C 295 2.88 19.02 7.58
CA PHE C 295 2.00 18.01 8.14
C PHE C 295 2.65 17.14 9.20
N ARG C 296 3.95 16.93 9.08
CA ARG C 296 4.65 16.13 10.08
C ARG C 296 4.65 17.00 11.34
N SER C 297 4.83 18.30 11.14
CA SER C 297 4.82 19.25 12.25
C SER C 297 3.41 19.28 12.83
N LEU C 298 2.41 19.30 11.95
CA LEU C 298 1.01 19.33 12.37
C LEU C 298 0.51 18.06 13.07
N TRP C 299 0.58 16.92 12.40
CA TRP C 299 0.07 15.67 13.00
C TRP C 299 1.04 14.88 13.84
N GLY C 300 2.34 15.05 13.58
CA GLY C 300 3.30 14.30 14.37
C GLY C 300 3.85 13.04 13.71
N PRO C 301 4.51 12.16 14.48
CA PRO C 301 5.12 10.91 14.04
C PRO C 301 4.35 10.08 13.01
N TYR C 302 3.01 10.17 13.04
CA TYR C 302 2.19 9.40 12.09
C TYR C 302 1.51 10.26 11.03
N ALA C 303 2.13 11.38 10.69
CA ALA C 303 1.57 12.28 9.69
C ALA C 303 1.18 11.54 8.42
N GLY C 304 1.83 10.40 8.17
CA GLY C 304 1.52 9.63 6.99
C GLY C 304 0.13 9.01 7.05
N TRP C 305 -0.19 8.42 8.19
CA TRP C 305 -1.49 7.79 8.39
C TRP C 305 -2.62 8.82 8.35
N ALA C 306 -2.37 9.97 8.97
CA ALA C 306 -3.37 11.03 8.99
C ALA C 306 -3.75 11.39 7.56
N GLN C 307 -2.73 11.48 6.70
CA GLN C 307 -2.96 11.82 5.29
C GLN C 307 -3.90 10.82 4.65
N ALA C 308 -3.66 9.53 4.89
CA ALA C 308 -4.51 8.49 4.33
C ALA C 308 -5.95 8.81 4.68
N VAL C 309 -6.22 9.01 5.96
CA VAL C 309 -7.56 9.33 6.43
C VAL C 309 -8.16 10.51 5.66
N LEU C 310 -7.42 11.59 5.52
CA LEU C 310 -7.90 12.78 4.82
C LEU C 310 -8.13 12.54 3.33
N PHE C 311 -7.33 11.66 2.73
CA PHE C 311 -7.44 11.34 1.30
C PHE C 311 -8.72 10.54 1.01
N SER C 312 -9.10 9.70 1.96
CA SER C 312 -10.30 8.90 1.83
C SER C 312 -11.51 9.81 1.92
N ALA C 313 -11.53 10.65 2.96
CA ALA C 313 -12.62 11.57 3.17
C ALA C 313 -12.83 12.48 1.95
N ASP C 314 -11.74 12.71 1.22
CA ASP C 314 -11.77 13.56 0.03
C ASP C 314 -12.20 12.77 -1.19
N LEU C 315 -12.58 11.52 -0.97
CA LEU C 315 -13.00 10.65 -2.05
C LEU C 315 -14.52 10.65 -2.20
CA CA D . 15.83 8.72 -8.68
CA CA E . -11.96 24.93 7.33
C1 GOL F . -3.47 -12.25 -10.55
O1 GOL F . -2.04 -12.34 -11.28
C2 GOL F . -3.69 -11.85 -9.23
O2 GOL F . -2.72 -12.34 -8.41
C3 GOL F . -4.69 -11.18 -9.15
O3 GOL F . -5.99 -10.40 -9.59
#